data_2WQ7
#
_entry.id   2WQ7
#
_cell.length_a   86.786
_cell.length_b   89.265
_cell.length_c   91.491
_cell.angle_alpha   90.00
_cell.angle_beta   90.00
_cell.angle_gamma   90.00
#
_symmetry.space_group_name_H-M   'P 21 21 21'
#
loop_
_entity.id
_entity.type
_entity.pdbx_description
1 polymer RE11660P
2 polymer "5'-D(*AP*CP*AP*GP*CP*GP*GP*TDYP*ZP*GP* CP*AP*AP*GP*T)-3'"
3 polymer "5'-D(*TP*AP*CP*CP*TP*GP*CP*GP*AP*CP* CP*GP*CP*TP*G)-3'"
4 non-polymer 'FLAVIN-ADENINE DINUCLEOTIDE'
5 water water
#
loop_
_entity_poly.entity_id
_entity_poly.type
_entity_poly.pdbx_seq_one_letter_code
_entity_poly.pdbx_strand_id
1 'polypeptide(L)'
;MASWSHPQFEKGASTSLYKKAGLMDSQRSTLVHWFRKGLRLHDNPALSHIFTAANAAPGRYFVRPIFILDPGILDWMQVG
ANRWRFLQQTLEDLDNQLRKLNSRLFVVRGKPAEVFPRIFKSWRVEMLTFETDIEPYSVTRDAAVQKLAKAEGVRVETHC
SHTIYNPELVIAKNLGKAPITYQKFLGIVEQLKVPKVLGVPEKLKNMPTPPKDEVEQKDSAAYDCPTMKQLVKRPEELGP
NKFPGGETEALRRMEESLKDEIWVARFEKPNTAPNSLEPSTTVLSPYLKFGCLSARLFNQKLKEIIKRQPKHSQPPVSLI
GQLMWREFYYTVAAAEPNFDRMLGNVYCMQIPWQEHPDHLEAWTHGRTGYPFIDAIMRQLRQEGWIHHLARHAVACFLTR
GDLWISWEEGQRVFEQLLLDQDWALNAGNWMWLSASAFFHQYFRVYSPVAFGKKTDPQGHYIRKYVPELSKYPAGCIYEP
WKASLVDQRAYGCVLGTDYPHRIVKHEVVHKENIKRMGAAYKVNREVRTGKEEESSFEEKSET
;
A
2 'polydeoxyribonucleotide' (DA)(DC)(DA)(DG)(DC)(DG)(DG)(TDY)(Z)(DG)(DC)(DA)(DG)(DG)(DT) C
3 'polydeoxyribonucleotide' (DT)(DA)(DC)(DC)(DT)(DG)(DC)(DG)(DA)(DC)(DC)(DG)(DC)(DT)(DG) D
#
loop_
_chem_comp.id
_chem_comp.type
_chem_comp.name
_chem_comp.formula
DA DNA linking 2'-DEOXYADENOSINE-5'-MONOPHOSPHATE 'C10 H14 N5 O6 P'
DC DNA linking 2'-DEOXYCYTIDINE-5'-MONOPHOSPHATE 'C9 H14 N3 O7 P'
DG DNA linking 2'-DEOXYGUANOSINE-5'-MONOPHOSPHATE 'C10 H14 N5 O7 P'
DT DNA linking THYMIDINE-5'-MONOPHOSPHATE 'C10 H15 N2 O8 P'
FAD non-polymer 'FLAVIN-ADENINE DINUCLEOTIDE' 'C27 H33 N9 O15 P2'
TDY DNA linking '5-(METHYLAMINO)THYMIDINE 5'-(DIHYDROGEN PHOSPHATE)' 'C11 H20 N3 O8 P'
Z DNA linking 1-(2-DEOXY-5-O-PHOSPHONO-BETA-D-ERYTHRO-PENTOFURANOSYL)PYRIMIDIN-2(1H)-ONE 'C9 H13 N2 O7 P'
#
# COMPACT_ATOMS: atom_id res chain seq x y z
N ASP A 25 -1.74 37.99 21.53
CA ASP A 25 -1.78 36.82 20.66
C ASP A 25 -1.41 37.16 19.22
N SER A 26 -1.22 38.45 18.95
CA SER A 26 -0.74 38.89 17.65
C SER A 26 0.75 38.59 17.56
N GLN A 27 1.31 38.13 18.67
CA GLN A 27 2.72 37.82 18.73
C GLN A 27 3.06 36.34 18.79
N ARG A 28 2.06 35.48 18.65
CA ARG A 28 2.28 34.06 18.75
C ARG A 28 3.06 33.50 17.57
N SER A 29 3.90 32.53 17.84
CA SER A 29 4.62 31.78 16.84
C SER A 29 3.76 30.57 16.51
N THR A 30 4.01 29.91 15.39
CA THR A 30 3.21 28.74 15.01
C THR A 30 4.02 27.44 14.97
N LEU A 31 3.42 26.39 15.50
CA LEU A 31 3.99 25.06 15.49
C LEU A 31 3.21 24.26 14.45
N VAL A 32 3.92 23.65 13.53
CA VAL A 32 3.26 22.96 12.46
C VAL A 32 3.57 21.48 12.39
N HIS A 33 2.55 20.67 12.23
CA HIS A 33 2.75 19.26 11.98
C HIS A 33 2.27 19.00 10.58
N TRP A 34 3.14 18.40 9.78
CA TRP A 34 2.83 18.12 8.40
C TRP A 34 2.49 16.63 8.20
N PHE A 35 1.23 16.38 7.92
CA PHE A 35 0.75 15.05 7.63
C PHE A 35 1.04 14.70 6.17
N ARG A 36 1.58 13.51 5.92
CA ARG A 36 1.77 13.01 4.56
C ARG A 36 1.28 11.57 4.66
N LYS A 37 2.01 10.75 5.37
CA LYS A 37 1.56 9.43 5.74
C LYS A 37 1.22 9.72 7.21
N GLY A 38 1.10 8.71 8.05
CA GLY A 38 0.80 8.95 9.45
C GLY A 38 -0.48 9.75 9.63
N LEU A 39 -1.53 9.39 8.90
CA LEU A 39 -2.79 10.08 8.98
C LEU A 39 -3.63 9.56 10.15
N ARG A 40 -3.13 9.81 11.34
CA ARG A 40 -3.73 9.38 12.58
C ARG A 40 -3.30 10.24 13.76
N LEU A 41 -4.07 10.21 14.84
CA LEU A 41 -3.67 10.85 16.06
C LEU A 41 -2.90 9.91 17.00
N HIS A 42 -3.27 8.62 17.03
CA HIS A 42 -2.62 7.69 17.94
C HIS A 42 -1.20 7.39 17.47
N ASP A 43 -0.33 7.07 18.44
CA ASP A 43 1.05 6.73 18.15
C ASP A 43 1.72 7.60 17.08
N ASN A 44 1.71 8.90 17.33
CA ASN A 44 2.23 9.83 16.36
C ASN A 44 3.15 10.80 17.10
N PRO A 45 4.41 10.40 17.29
CA PRO A 45 5.35 11.21 18.07
C PRO A 45 5.50 12.61 17.49
N ALA A 46 5.58 12.74 16.17
CA ALA A 46 5.75 14.06 15.58
C ALA A 46 4.58 15.00 15.94
N LEU A 47 3.36 14.48 15.85
CA LEU A 47 2.19 15.24 16.24
C LEU A 47 2.12 15.49 17.75
N SER A 48 2.35 14.45 18.56
CA SER A 48 2.30 14.58 20.02
C SER A 48 3.25 15.66 20.50
N HIS A 49 4.43 15.73 19.91
CA HIS A 49 5.49 16.65 20.30
CA HIS A 49 5.40 16.73 20.32
C HIS A 49 4.88 18.15 20.15
N ILE A 50 4.23 18.46 19.04
CA ILE A 50 3.68 19.78 18.85
C ILE A 50 2.63 20.15 19.89
N PHE A 51 1.71 19.21 20.15
CA PHE A 51 0.63 19.39 21.12
C PHE A 51 1.18 19.55 22.53
N THR A 52 2.17 18.75 22.86
CA THR A 52 2.83 18.81 24.15
C THR A 52 3.53 20.14 24.33
N ALA A 53 4.23 20.58 23.30
CA ALA A 53 4.94 21.85 23.36
C ALA A 53 3.99 23.03 23.52
N ALA A 54 2.89 23.04 22.76
CA ALA A 54 1.91 24.10 22.90
C ALA A 54 1.37 24.21 24.34
N ASN A 55 0.90 23.09 24.89
CA ASN A 55 0.40 23.08 26.26
C ASN A 55 1.46 23.46 27.32
N ALA A 56 2.73 23.25 27.01
CA ALA A 56 3.80 23.64 27.91
C ALA A 56 3.88 25.16 28.09
N ALA A 57 3.76 25.89 26.99
CA ALA A 57 3.80 27.35 27.05
C ALA A 57 2.46 27.81 26.52
N PRO A 58 1.54 28.07 27.41
CA PRO A 58 0.14 28.34 27.10
C PRO A 58 -0.25 29.50 26.19
N GLY A 59 0.31 30.67 26.34
CA GLY A 59 -0.12 31.72 25.46
C GLY A 59 0.87 31.89 24.35
N ARG A 60 1.81 30.98 24.25
CA ARG A 60 2.91 31.17 23.34
C ARG A 60 2.74 30.87 21.85
N TYR A 61 2.03 29.79 21.54
CA TYR A 61 1.92 29.32 20.18
C TYR A 61 0.53 29.05 19.64
N PHE A 62 0.46 29.01 18.32
CA PHE A 62 -0.71 28.58 17.61
C PHE A 62 -0.27 27.23 17.01
N VAL A 63 -1.21 26.29 16.86
CA VAL A 63 -0.93 24.98 16.28
C VAL A 63 -1.65 24.83 14.95
N ARG A 64 -0.93 24.38 13.92
CA ARG A 64 -1.50 24.13 12.60
C ARG A 64 -1.13 22.71 12.14
N PRO A 65 -2.05 21.76 12.25
CA PRO A 65 -1.78 20.42 11.70
C PRO A 65 -2.22 20.52 10.25
N ILE A 66 -1.33 20.26 9.31
CA ILE A 66 -1.64 20.42 7.90
C ILE A 66 -1.40 19.21 6.98
N PHE A 67 -2.16 19.19 5.90
CA PHE A 67 -2.00 18.23 4.84
C PHE A 67 -1.93 19.05 3.57
N ILE A 68 -0.93 18.81 2.73
CA ILE A 68 -0.77 19.61 1.53
C ILE A 68 -1.31 18.84 0.32
N LEU A 69 -2.28 19.44 -0.34
CA LEU A 69 -2.97 18.81 -1.46
C LEU A 69 -2.70 19.55 -2.76
N ASP A 70 -1.87 18.95 -3.61
CA ASP A 70 -1.63 19.45 -4.97
C ASP A 70 -2.85 19.23 -5.90
N PRO A 71 -3.58 20.31 -6.23
CA PRO A 71 -4.88 20.21 -6.93
C PRO A 71 -4.74 19.83 -8.42
N GLY A 72 -3.50 19.75 -8.90
CA GLY A 72 -3.24 19.36 -10.27
C GLY A 72 -3.19 17.85 -10.43
N ILE A 73 -2.77 17.15 -9.38
CA ILE A 73 -2.59 15.70 -9.44
C ILE A 73 -3.92 14.94 -9.42
N LEU A 74 -5.03 15.66 -9.25
CA LEU A 74 -6.34 15.00 -9.13
C LEU A 74 -6.73 14.23 -10.40
N ASP A 75 -5.95 14.44 -11.46
CA ASP A 75 -6.19 13.81 -12.75
C ASP A 75 -5.10 12.78 -13.12
N TRP A 76 -4.00 12.82 -12.37
CA TRP A 76 -2.97 11.79 -12.46
C TRP A 76 -3.68 10.44 -12.49
N MET A 77 -3.59 9.76 -13.64
CA MET A 77 -4.29 8.49 -13.86
C MET A 77 -3.72 7.36 -13.02
N GLN A 78 -2.56 7.60 -12.42
CA GLN A 78 -1.93 6.63 -11.54
C GLN A 78 -2.63 6.50 -10.17
N VAL A 79 -3.61 7.34 -9.92
CA VAL A 79 -4.44 7.23 -8.73
C VAL A 79 -5.88 7.05 -9.22
N GLY A 80 -6.49 5.92 -8.91
CA GLY A 80 -7.86 5.62 -9.32
C GLY A 80 -8.85 6.23 -8.36
N ALA A 81 -10.11 6.22 -8.75
CA ALA A 81 -11.15 6.88 -7.98
C ALA A 81 -11.35 6.29 -6.59
N ASN A 82 -11.30 4.96 -6.49
CA ASN A 82 -11.44 4.32 -5.18
C ASN A 82 -10.37 4.82 -4.20
N ARG A 83 -9.15 5.02 -4.67
CA ARG A 83 -8.14 5.49 -3.72
C ARG A 83 -8.35 6.98 -3.35
N TRP A 84 -8.81 7.80 -4.29
CA TRP A 84 -9.15 9.19 -3.96
C TRP A 84 -10.24 9.24 -2.88
N ARG A 85 -11.25 8.38 -3.01
CA ARG A 85 -12.33 8.35 -2.03
C ARG A 85 -11.80 7.97 -0.64
N PHE A 86 -10.88 7.03 -0.60
CA PHE A 86 -10.30 6.63 0.68
C PHE A 86 -9.57 7.81 1.32
N LEU A 87 -8.80 8.54 0.53
CA LEU A 87 -8.10 9.72 1.05
C LEU A 87 -9.12 10.77 1.54
N GLN A 88 -10.18 10.99 0.78
CA GLN A 88 -11.19 11.97 1.14
C GLN A 88 -11.81 11.63 2.49
N GLN A 89 -12.17 10.38 2.65
CA GLN A 89 -12.73 9.92 3.89
C GLN A 89 -11.71 10.03 5.03
N THR A 90 -10.45 9.69 4.74
CA THR A 90 -9.40 9.76 5.74
C THR A 90 -9.19 11.17 6.25
N LEU A 91 -9.12 12.14 5.34
CA LEU A 91 -8.92 13.54 5.76
C LEU A 91 -10.08 14.02 6.63
N GLU A 92 -11.30 13.64 6.25
CA GLU A 92 -12.48 14.03 7.03
C GLU A 92 -12.42 13.43 8.44
N ASP A 93 -12.05 12.15 8.55
CA ASP A 93 -11.89 11.54 9.87
C ASP A 93 -10.81 12.25 10.70
N LEU A 94 -9.66 12.50 10.08
CA LEU A 94 -8.56 13.21 10.73
C LEU A 94 -8.99 14.61 11.23
N ASP A 95 -9.75 15.34 10.42
CA ASP A 95 -10.27 16.62 10.88
C ASP A 95 -11.20 16.42 12.08
N ASN A 96 -12.11 15.44 12.00
CA ASN A 96 -12.98 15.13 13.13
C ASN A 96 -12.25 14.84 14.43
N GLN A 97 -11.18 14.07 14.35
CA GLN A 97 -10.44 13.71 15.55
C GLN A 97 -9.66 14.93 16.09
N LEU A 98 -9.11 15.73 15.19
CA LEU A 98 -8.37 16.91 15.61
C LEU A 98 -9.32 17.92 16.29
N ARG A 99 -10.54 18.01 15.78
CA ARG A 99 -11.55 18.90 16.36
C ARG A 99 -11.76 18.58 17.86
N LYS A 100 -11.72 17.31 18.22
CA LYS A 100 -11.85 16.90 19.63
C LYS A 100 -10.70 17.37 20.55
N LEU A 101 -9.56 17.69 19.97
CA LEU A 101 -8.43 18.22 20.73
C LEU A 101 -8.39 19.75 20.68
N ASN A 102 -9.50 20.37 20.29
CA ASN A 102 -9.60 21.81 20.14
C ASN A 102 -8.76 22.35 19.00
N SER A 103 -8.57 21.51 18.00
CA SER A 103 -7.81 21.84 16.82
C SER A 103 -8.67 21.53 15.58
N ARG A 104 -8.01 21.39 14.45
CA ARG A 104 -8.66 21.05 13.21
C ARG A 104 -7.59 20.71 12.23
N LEU A 105 -7.97 20.19 11.08
CA LEU A 105 -7.00 19.96 10.03
C LEU A 105 -7.01 21.13 9.06
N PHE A 106 -5.82 21.52 8.58
CA PHE A 106 -5.76 22.53 7.54
C PHE A 106 -5.25 21.85 6.28
N VAL A 107 -6.10 21.75 5.27
CA VAL A 107 -5.70 21.15 4.01
C VAL A 107 -5.32 22.28 3.08
N VAL A 108 -4.01 22.45 2.91
CA VAL A 108 -3.48 23.58 2.16
C VAL A 108 -3.24 23.12 0.73
N ARG A 109 -3.92 23.74 -0.22
CA ARG A 109 -3.74 23.38 -1.62
C ARG A 109 -2.47 24.00 -2.16
N GLY A 110 -1.65 23.19 -2.81
CA GLY A 110 -0.47 23.69 -3.50
C GLY A 110 0.67 22.69 -3.47
N LYS A 111 1.86 23.14 -3.83
CA LYS A 111 3.05 22.29 -3.74
C LYS A 111 3.98 22.80 -2.64
N PRO A 112 4.62 21.87 -1.91
CA PRO A 112 5.47 22.22 -0.77
C PRO A 112 6.50 23.30 -1.10
N ALA A 113 6.98 23.31 -2.34
CA ALA A 113 8.00 24.27 -2.75
C ALA A 113 7.51 25.70 -2.65
N GLU A 114 6.25 25.94 -2.98
CA GLU A 114 5.66 27.25 -2.86
C GLU A 114 4.90 27.48 -1.56
N VAL A 115 4.27 26.44 -1.05
CA VAL A 115 3.51 26.53 0.19
C VAL A 115 4.35 26.83 1.42
N PHE A 116 5.46 26.13 1.58
CA PHE A 116 6.29 26.35 2.76
C PHE A 116 6.91 27.76 2.86
N PRO A 117 7.46 28.28 1.77
CA PRO A 117 7.98 29.65 1.86
C PRO A 117 6.89 30.64 2.33
N ARG A 118 5.71 30.52 1.77
CA ARG A 118 4.61 31.39 2.15
C ARG A 118 4.24 31.24 3.63
N ILE A 119 3.98 30.02 4.09
CA ILE A 119 3.46 29.87 5.46
C ILE A 119 4.49 30.02 6.57
N PHE A 120 5.75 29.65 6.30
CA PHE A 120 6.80 29.91 7.27
C PHE A 120 6.77 31.39 7.66
N LYS A 121 6.52 32.24 6.66
CA LYS A 121 6.46 33.68 6.84
C LYS A 121 5.13 34.15 7.41
N SER A 122 4.05 33.78 6.73
CA SER A 122 2.70 34.15 7.13
C SER A 122 2.38 33.73 8.56
N TRP A 123 2.76 32.51 8.93
CA TRP A 123 2.31 31.97 10.21
C TRP A 123 3.34 32.15 11.29
N ARG A 124 4.49 32.73 10.93
CA ARG A 124 5.64 32.81 11.84
C ARG A 124 5.92 31.45 12.48
N VAL A 125 6.27 30.49 11.64
CA VAL A 125 6.46 29.12 12.11
C VAL A 125 7.78 29.05 12.86
N GLU A 126 7.75 28.49 14.06
CA GLU A 126 8.95 28.25 14.85
C GLU A 126 9.48 26.83 14.68
N MET A 127 8.56 25.88 14.49
CA MET A 127 8.93 24.48 14.38
C MET A 127 7.99 23.70 13.46
N LEU A 128 8.54 22.66 12.83
CA LEU A 128 7.82 21.89 11.84
C LEU A 128 8.13 20.43 12.12
N THR A 129 7.11 19.59 12.27
CA THR A 129 7.37 18.17 12.46
C THR A 129 6.70 17.34 11.39
N PHE A 130 7.29 16.19 11.07
CA PHE A 130 6.62 15.22 10.23
C PHE A 130 7.20 13.83 10.46
N GLU A 131 6.47 12.83 10.00
CA GLU A 131 6.95 11.46 9.99
C GLU A 131 7.78 11.22 8.73
N THR A 132 8.97 10.64 8.91
CA THR A 132 9.86 10.39 7.77
C THR A 132 9.30 9.33 6.83
N ASP A 133 9.78 9.36 5.59
CA ASP A 133 9.45 8.33 4.63
C ASP A 133 10.67 8.03 3.78
N ILE A 134 10.78 6.81 3.27
CA ILE A 134 11.99 6.39 2.57
C ILE A 134 11.89 6.44 1.03
N GLU A 135 10.70 6.71 0.50
CA GLU A 135 10.48 6.76 -0.94
C GLU A 135 11.28 7.88 -1.59
N PRO A 136 11.76 7.65 -2.83
CA PRO A 136 12.65 8.59 -3.52
C PRO A 136 12.07 9.99 -3.59
N TYR A 137 10.83 10.08 -4.07
CA TYR A 137 10.16 11.37 -4.15
C TYR A 137 10.17 12.06 -2.79
N SER A 138 9.83 11.32 -1.75
CA SER A 138 9.74 11.91 -0.41
C SER A 138 11.11 12.35 0.10
N VAL A 139 12.14 11.55 -0.19
CA VAL A 139 13.48 11.91 0.26
C VAL A 139 13.90 13.26 -0.30
N THR A 140 13.66 13.47 -1.58
CA THR A 140 14.08 14.72 -2.20
C THR A 140 13.17 15.91 -1.81
N ARG A 141 11.86 15.66 -1.70
CA ARG A 141 10.94 16.69 -1.23
C ARG A 141 11.31 17.17 0.16
N ASP A 142 11.59 16.22 1.07
CA ASP A 142 11.91 16.56 2.44
C ASP A 142 13.26 17.24 2.60
N ALA A 143 14.24 16.82 1.81
CA ALA A 143 15.54 17.47 1.83
C ALA A 143 15.40 18.93 1.41
N ALA A 144 14.52 19.20 0.45
CA ALA A 144 14.22 20.57 0.04
C ALA A 144 13.60 21.37 1.18
N VAL A 145 12.60 20.78 1.82
CA VAL A 145 11.94 21.42 2.95
C VAL A 145 12.92 21.70 4.10
N GLN A 146 13.79 20.73 4.38
CA GLN A 146 14.77 20.89 5.45
C GLN A 146 15.68 22.05 5.14
N LYS A 147 15.96 22.23 3.85
CA LYS A 147 16.90 23.23 3.37
C LYS A 147 16.27 24.61 3.53
N LEU A 148 15.01 24.72 3.14
CA LEU A 148 14.25 25.95 3.34
C LEU A 148 14.18 26.29 4.82
N ALA A 149 13.76 25.32 5.63
CA ALA A 149 13.59 25.53 7.06
C ALA A 149 14.87 26.07 7.70
N LYS A 150 15.99 25.44 7.41
CA LYS A 150 17.30 25.80 7.95
C LYS A 150 17.64 27.26 7.63
N ALA A 151 17.37 27.65 6.38
CA ALA A 151 17.66 28.99 5.91
C ALA A 151 16.70 30.04 6.46
N GLU A 152 15.50 29.60 6.84
CA GLU A 152 14.47 30.54 7.30
C GLU A 152 14.38 30.56 8.82
N GLY A 153 15.26 29.80 9.46
CA GLY A 153 15.29 29.74 10.91
C GLY A 153 14.18 28.90 11.55
N VAL A 154 13.65 27.92 10.81
CA VAL A 154 12.62 27.03 11.37
C VAL A 154 13.21 25.70 11.83
N ARG A 155 13.01 25.36 13.10
CA ARG A 155 13.45 24.08 13.62
C ARG A 155 12.57 22.94 13.11
N VAL A 156 13.19 21.83 12.74
CA VAL A 156 12.48 20.69 12.17
C VAL A 156 12.79 19.44 12.95
N GLU A 157 11.75 18.75 13.43
CA GLU A 157 11.93 17.51 14.15
C GLU A 157 11.17 16.43 13.43
N THR A 158 11.87 15.38 13.00
CA THR A 158 11.25 14.30 12.26
C THR A 158 11.26 13.01 13.07
N HIS A 159 10.32 12.13 12.78
CA HIS A 159 10.23 10.86 13.48
C HIS A 159 9.97 9.70 12.56
N CYS A 160 10.61 8.57 12.84
CA CYS A 160 10.35 7.37 12.09
C CYS A 160 9.25 6.56 12.79
N SER A 161 7.99 6.77 12.41
CA SER A 161 6.90 6.01 13.03
C SER A 161 6.00 5.27 12.02
N HIS A 162 6.40 5.26 10.75
CA HIS A 162 5.62 4.58 9.72
C HIS A 162 5.91 3.08 9.76
N THR A 163 7.11 2.74 10.23
CA THR A 163 7.54 1.35 10.36
C THR A 163 7.99 1.10 11.79
N ILE A 164 8.00 -0.17 12.19
CA ILE A 164 8.38 -0.53 13.56
C ILE A 164 9.88 -0.30 13.76
N TYR A 165 10.67 -0.69 12.76
CA TYR A 165 12.10 -0.53 12.80
C TYR A 165 12.49 0.53 11.78
N ASN A 166 13.51 1.32 12.12
CA ASN A 166 14.04 2.33 11.21
C ASN A 166 14.99 1.68 10.19
N PRO A 167 14.65 1.77 8.90
CA PRO A 167 15.50 1.12 7.89
C PRO A 167 16.95 1.56 7.97
N GLU A 168 17.22 2.82 8.28
CA GLU A 168 18.59 3.30 8.39
C GLU A 168 19.32 2.54 9.49
N LEU A 169 18.64 2.35 10.61
CA LEU A 169 19.19 1.61 11.73
C LEU A 169 19.40 0.13 11.42
N VAL A 170 18.46 -0.47 10.71
CA VAL A 170 18.62 -1.86 10.31
C VAL A 170 19.85 -2.00 9.39
N ILE A 171 19.95 -1.12 8.40
CA ILE A 171 21.05 -1.18 7.43
C ILE A 171 22.40 -0.95 8.16
N ALA A 172 22.40 -0.06 9.15
CA ALA A 172 23.63 0.24 9.89
C ALA A 172 24.02 -0.91 10.81
N LYS A 173 23.03 -1.49 11.47
CA LYS A 173 23.31 -2.64 12.34
C LYS A 173 23.84 -3.81 11.52
N ASN A 174 23.44 -3.86 10.25
CA ASN A 174 23.90 -4.92 9.35
C ASN A 174 25.14 -4.46 8.57
N LEU A 175 25.92 -3.58 9.18
CA LEU A 175 27.19 -3.12 8.61
C LEU A 175 27.06 -2.46 7.25
N GLY A 176 26.03 -1.65 7.06
CA GLY A 176 25.94 -0.87 5.84
C GLY A 176 25.17 -1.45 4.66
N LYS A 177 24.59 -2.64 4.82
CA LYS A 177 23.84 -3.28 3.76
C LYS A 177 22.45 -3.73 4.20
N ALA A 178 21.47 -3.61 3.32
CA ALA A 178 20.16 -4.11 3.65
C ALA A 178 20.20 -5.64 3.53
N PRO A 179 19.69 -6.33 4.54
CA PRO A 179 19.65 -7.80 4.48
C PRO A 179 18.73 -8.21 3.35
N ILE A 180 19.14 -9.19 2.54
CA ILE A 180 18.32 -9.63 1.42
C ILE A 180 17.52 -10.91 1.62
N THR A 181 17.66 -11.53 2.79
CA THR A 181 16.82 -12.65 3.15
C THR A 181 16.10 -12.34 4.45
N TYR A 182 14.90 -12.87 4.57
CA TYR A 182 13.99 -12.57 5.66
C TYR A 182 14.56 -13.03 6.99
N GLN A 183 15.12 -14.23 7.04
CA GLN A 183 15.61 -14.77 8.30
C GLN A 183 16.77 -13.92 8.82
N LYS A 184 17.64 -13.49 7.91
CA LYS A 184 18.73 -12.59 8.27
C LYS A 184 18.18 -11.24 8.75
N PHE A 185 17.15 -10.75 8.09
CA PHE A 185 16.51 -9.49 8.51
C PHE A 185 15.99 -9.61 9.94
N LEU A 186 15.29 -10.71 10.23
CA LEU A 186 14.78 -10.97 11.57
C LEU A 186 15.94 -10.98 12.59
N GLY A 187 17.07 -11.54 12.19
CA GLY A 187 18.22 -11.62 13.06
C GLY A 187 18.78 -10.25 13.40
N ILE A 188 18.69 -9.31 12.47
CA ILE A 188 19.10 -7.95 12.76
C ILE A 188 18.10 -7.20 13.64
N VAL A 189 16.81 -7.24 13.29
CA VAL A 189 15.82 -6.43 14.01
C VAL A 189 15.59 -6.86 15.47
N GLU A 190 15.81 -8.13 15.77
CA GLU A 190 15.71 -8.50 17.18
C GLU A 190 16.85 -7.92 18.02
N GLN A 191 17.87 -7.37 17.37
CA GLN A 191 18.88 -6.63 18.10
C GLN A 191 18.51 -5.16 18.33
N LEU A 192 17.39 -4.72 17.76
CA LEU A 192 17.03 -3.29 17.82
C LEU A 192 15.94 -3.04 18.84
N LYS A 193 15.89 -1.84 19.39
CA LYS A 193 14.88 -1.56 20.38
C LYS A 193 13.68 -1.05 19.62
N VAL A 194 12.50 -1.35 20.15
CA VAL A 194 11.27 -0.88 19.55
C VAL A 194 10.75 0.26 20.39
N PRO A 195 10.52 1.42 19.77
CA PRO A 195 10.14 2.60 20.55
C PRO A 195 8.80 2.41 21.29
N LYS A 196 8.54 3.26 22.28
CA LYS A 196 7.27 3.24 22.98
C LYS A 196 6.14 3.63 22.02
N VAL A 197 5.01 2.94 22.13
CA VAL A 197 3.84 3.28 21.34
C VAL A 197 3.06 4.33 22.12
N LEU A 198 2.78 5.47 21.49
CA LEU A 198 2.09 6.56 22.20
C LEU A 198 0.57 6.52 22.05
N GLY A 199 -0.12 7.18 22.97
CA GLY A 199 -1.55 7.35 22.86
C GLY A 199 -1.86 8.53 21.96
N VAL A 200 -3.10 9.02 22.04
CA VAL A 200 -3.53 10.21 21.32
C VAL A 200 -3.00 11.44 22.07
N PRO A 201 -2.64 12.53 21.35
CA PRO A 201 -2.13 13.70 22.08
C PRO A 201 -3.17 14.31 23.02
N GLU A 202 -2.72 15.27 23.82
CA GLU A 202 -3.59 15.99 24.75
C GLU A 202 -4.37 17.11 24.07
N LYS A 203 -5.54 17.39 24.63
CA LYS A 203 -6.40 18.48 24.18
C LYS A 203 -5.63 19.78 24.31
N LEU A 204 -5.76 20.68 23.36
CA LEU A 204 -5.07 21.96 23.49
C LEU A 204 -5.82 22.81 24.51
N LYS A 205 -5.04 23.46 25.37
CA LYS A 205 -5.59 24.36 26.38
C LYS A 205 -5.39 25.80 25.95
N ASN A 206 -6.41 26.63 26.18
CA ASN A 206 -6.29 28.06 25.96
C ASN A 206 -5.77 28.39 24.56
N MET A 207 -6.38 27.80 23.55
CA MET A 207 -5.93 27.95 22.18
C MET A 207 -7.02 28.49 21.27
N PRO A 208 -7.05 29.81 21.07
CA PRO A 208 -7.99 30.41 20.12
C PRO A 208 -7.58 30.00 18.71
N THR A 209 -8.53 30.01 17.77
CA THR A 209 -8.21 29.73 16.38
C THR A 209 -7.14 30.71 15.91
N PRO A 210 -6.18 30.23 15.13
CA PRO A 210 -5.15 31.10 14.57
C PRO A 210 -5.80 32.22 13.77
N PRO A 211 -5.14 33.38 13.70
CA PRO A 211 -5.61 34.46 12.82
C PRO A 211 -5.54 34.02 11.36
N LYS A 212 -6.49 34.49 10.56
CA LYS A 212 -6.53 34.15 9.15
C LYS A 212 -5.33 34.73 8.45
N ASP A 213 -4.68 33.92 7.61
CA ASP A 213 -3.66 34.45 6.74
C ASP A 213 -4.34 35.07 5.52
N GLU A 214 -3.54 35.56 4.59
CA GLU A 214 -4.08 36.23 3.41
C GLU A 214 -4.99 35.33 2.58
N VAL A 215 -4.64 34.05 2.49
CA VAL A 215 -5.46 33.08 1.75
C VAL A 215 -6.84 32.88 2.40
N GLU A 216 -6.84 32.66 3.72
CA GLU A 216 -8.06 32.50 4.51
C GLU A 216 -8.94 33.75 4.50
N GLN A 217 -8.32 34.93 4.44
CA GLN A 217 -9.08 36.17 4.42
C GLN A 217 -9.89 36.29 3.13
N LYS A 218 -9.37 35.81 2.01
CA LYS A 218 -10.10 35.79 0.74
C LYS A 218 -11.23 34.76 0.75
N ASP A 219 -10.98 33.62 1.38
CA ASP A 219 -11.93 32.51 1.39
C ASP A 219 -11.81 31.76 2.71
N SER A 220 -12.80 31.93 3.58
CA SER A 220 -12.72 31.33 4.92
C SER A 220 -12.57 29.80 4.88
N ALA A 221 -13.08 29.17 3.83
CA ALA A 221 -13.02 27.72 3.68
C ALA A 221 -11.81 27.21 2.89
N ALA A 222 -10.82 28.08 2.65
CA ALA A 222 -9.65 27.72 1.86
C ALA A 222 -8.90 26.46 2.33
N TYR A 223 -8.92 26.17 3.63
CA TYR A 223 -8.17 25.03 4.15
C TYR A 223 -9.08 23.90 4.65
N ASP A 224 -10.35 23.95 4.25
CA ASP A 224 -11.31 22.95 4.69
C ASP A 224 -11.01 21.63 3.96
N CYS A 225 -11.41 20.51 4.55
CA CYS A 225 -11.25 19.19 3.90
C CYS A 225 -11.94 19.14 2.56
N PRO A 226 -11.28 18.53 1.58
CA PRO A 226 -11.84 18.43 0.22
C PRO A 226 -13.10 17.57 0.21
N THR A 227 -14.07 17.96 -0.60
CA THR A 227 -15.28 17.18 -0.78
C THR A 227 -15.03 16.04 -1.76
N MET A 228 -15.95 15.09 -1.82
CA MET A 228 -15.85 14.06 -2.86
C MET A 228 -15.71 14.69 -4.25
N LYS A 229 -16.51 15.72 -4.51
CA LYS A 229 -16.56 16.35 -5.83
C LYS A 229 -15.22 16.93 -6.20
N GLN A 230 -14.50 17.43 -5.21
CA GLN A 230 -13.20 18.03 -5.46
C GLN A 230 -12.08 17.01 -5.60
N LEU A 231 -12.19 15.85 -4.95
CA LEU A 231 -11.09 14.89 -5.01
C LEU A 231 -11.29 13.87 -6.13
N VAL A 232 -12.55 13.47 -6.32
CA VAL A 232 -12.88 12.42 -7.26
C VAL A 232 -13.40 12.98 -8.58
N LYS A 233 -12.51 13.06 -9.54
CA LYS A 233 -12.86 13.58 -10.85
C LYS A 233 -13.67 12.58 -11.66
N ARG A 234 -13.58 11.29 -11.31
CA ARG A 234 -14.25 10.29 -12.12
C ARG A 234 -15.08 9.32 -11.30
N PRO A 235 -16.24 9.79 -10.82
CA PRO A 235 -17.04 9.05 -9.85
C PRO A 235 -17.59 7.77 -10.44
N GLU A 236 -17.63 7.69 -11.76
CA GLU A 236 -18.13 6.49 -12.41
C GLU A 236 -17.19 5.30 -12.16
N GLU A 237 -15.93 5.60 -11.83
CA GLU A 237 -14.96 4.56 -11.48
C GLU A 237 -15.06 4.06 -10.02
N LEU A 238 -15.95 4.66 -9.25
CA LEU A 238 -16.11 4.28 -7.85
C LEU A 238 -16.86 2.96 -7.75
N GLY A 239 -16.41 2.05 -6.89
CA GLY A 239 -17.16 0.83 -6.61
C GLY A 239 -17.77 0.86 -5.23
N PRO A 240 -18.26 -0.30 -4.75
CA PRO A 240 -18.86 -0.38 -3.41
C PRO A 240 -17.84 0.07 -2.36
N ASN A 241 -18.28 0.88 -1.39
CA ASN A 241 -17.38 1.46 -0.40
C ASN A 241 -17.13 0.49 0.77
N LYS A 242 -16.49 -0.64 0.45
CA LYS A 242 -16.25 -1.73 1.41
C LYS A 242 -15.26 -1.39 2.52
N PHE A 243 -14.32 -0.48 2.27
CA PHE A 243 -13.29 -0.16 3.24
C PHE A 243 -13.20 1.36 3.41
N PRO A 244 -13.98 1.92 4.32
CA PRO A 244 -13.96 3.36 4.51
C PRO A 244 -12.62 3.86 5.07
N GLY A 245 -12.20 5.02 4.61
CA GLY A 245 -10.96 5.60 5.07
C GLY A 245 -10.99 6.11 6.49
N GLY A 246 -9.81 6.33 7.03
CA GLY A 246 -9.59 6.93 8.33
C GLY A 246 -9.20 6.10 9.51
N GLU A 247 -8.52 6.75 10.44
CA GLU A 247 -8.05 6.15 11.69
C GLU A 247 -9.18 5.50 12.52
N THR A 248 -10.35 6.13 12.57
CA THR A 248 -11.46 5.52 13.31
C THR A 248 -11.79 4.12 12.77
N GLU A 249 -12.03 4.01 11.48
CA GLU A 249 -12.30 2.72 10.85
C GLU A 249 -11.12 1.74 11.04
N ALA A 250 -9.90 2.27 10.92
CA ALA A 250 -8.67 1.46 11.09
C ALA A 250 -8.66 0.74 12.44
N LEU A 251 -8.90 1.49 13.51
CA LEU A 251 -8.90 0.91 14.84
C LEU A 251 -10.08 -0.04 15.05
N ARG A 252 -11.26 0.35 14.56
CA ARG A 252 -12.42 -0.51 14.65
C ARG A 252 -12.18 -1.82 13.91
N ARG A 253 -11.63 -1.72 12.70
CA ARG A 253 -11.32 -2.92 11.95
C ARG A 253 -10.25 -3.77 12.64
N MET A 254 -9.19 -3.13 13.16
CA MET A 254 -8.19 -3.88 13.87
C MET A 254 -8.80 -4.62 15.09
N GLU A 255 -9.56 -3.89 15.88
CA GLU A 255 -10.13 -4.47 17.09
C GLU A 255 -11.02 -5.65 16.77
N GLU A 256 -11.79 -5.53 15.68
CA GLU A 256 -12.63 -6.64 15.27
C GLU A 256 -11.77 -7.85 14.84
N SER A 257 -10.66 -7.59 14.16
CA SER A 257 -9.75 -8.68 13.80
C SER A 257 -9.13 -9.37 15.03
N LEU A 258 -8.69 -8.59 16.00
CA LEU A 258 -7.98 -9.12 17.16
C LEU A 258 -8.91 -9.87 18.11
N LYS A 259 -10.20 -9.79 17.86
CA LYS A 259 -11.18 -10.30 18.82
C LYS A 259 -11.07 -11.82 18.99
N ASP A 260 -10.92 -12.54 17.88
CA ASP A 260 -10.76 -13.99 17.90
C ASP A 260 -9.28 -14.34 18.08
N GLU A 261 -8.85 -14.41 19.33
CA GLU A 261 -7.42 -14.57 19.59
C GLU A 261 -6.87 -15.89 19.06
N ILE A 262 -7.71 -16.91 18.95
CA ILE A 262 -7.27 -18.18 18.41
C ILE A 262 -6.93 -18.01 16.93
N TRP A 263 -7.81 -17.33 16.19
CA TRP A 263 -7.58 -17.09 14.77
C TRP A 263 -6.28 -16.31 14.60
N VAL A 264 -6.13 -15.27 15.39
CA VAL A 264 -4.96 -14.43 15.30
C VAL A 264 -3.71 -15.27 15.57
N ALA A 265 -3.72 -16.01 16.67
CA ALA A 265 -2.55 -16.75 17.13
C ALA A 265 -2.14 -17.85 16.16
N ARG A 266 -3.10 -18.52 15.56
CA ARG A 266 -2.83 -19.61 14.64
C ARG A 266 -2.74 -19.24 13.16
N PHE A 267 -2.81 -17.96 12.85
CA PHE A 267 -2.79 -17.47 11.48
C PHE A 267 -1.56 -17.92 10.69
N GLU A 268 -1.78 -18.46 9.51
CA GLU A 268 -0.72 -18.82 8.59
C GLU A 268 -1.14 -18.28 7.22
N LYS A 269 -0.39 -17.32 6.73
CA LYS A 269 -0.74 -16.64 5.48
C LYS A 269 -1.06 -17.59 4.32
N PRO A 270 -0.19 -18.59 4.06
CA PRO A 270 -0.36 -19.47 2.90
C PRO A 270 -1.63 -20.30 2.91
N ASN A 271 -2.25 -20.41 4.07
CA ASN A 271 -3.46 -21.20 4.23
C ASN A 271 -4.73 -20.34 4.15
N THR A 272 -4.59 -19.05 3.86
CA THR A 272 -5.78 -18.19 3.73
C THR A 272 -6.23 -18.19 2.28
N ALA A 273 -7.54 -18.17 2.05
CA ALA A 273 -8.08 -18.28 0.69
C ALA A 273 -8.01 -16.97 -0.10
N PRO A 274 -7.66 -17.04 -1.37
CA PRO A 274 -7.64 -15.84 -2.21
C PRO A 274 -9.02 -15.50 -2.79
N ASN A 275 -9.91 -16.48 -2.80
CA ASN A 275 -11.22 -16.36 -3.39
C ASN A 275 -12.44 -16.55 -2.51
N SER A 276 -12.28 -16.39 -1.21
CA SER A 276 -13.42 -16.45 -0.33
C SER A 276 -14.18 -15.16 -0.66
N LEU A 277 -15.49 -15.15 -0.57
CA LEU A 277 -16.23 -13.94 -0.89
C LEU A 277 -15.90 -12.78 0.06
N GLU A 278 -15.73 -13.10 1.33
CA GLU A 278 -15.32 -12.17 2.35
C GLU A 278 -13.81 -12.37 2.54
N PRO A 279 -13.08 -11.30 2.80
CA PRO A 279 -11.63 -11.37 3.00
C PRO A 279 -11.19 -12.44 4.01
N SER A 280 -10.18 -13.21 3.67
CA SER A 280 -9.69 -14.23 4.61
C SER A 280 -8.59 -13.66 5.53
N THR A 281 -8.17 -12.45 5.23
CA THR A 281 -7.13 -11.79 5.99
C THR A 281 -7.68 -10.54 6.67
N THR A 282 -6.84 -9.78 7.33
CA THR A 282 -7.31 -8.60 8.07
C THR A 282 -7.90 -7.42 7.26
N VAL A 283 -7.34 -7.20 6.08
CA VAL A 283 -7.60 -6.04 5.23
C VAL A 283 -7.25 -4.75 5.95
N LEU A 284 -6.19 -4.80 6.75
CA LEU A 284 -5.66 -3.60 7.38
C LEU A 284 -4.66 -2.88 6.47
N SER A 285 -4.34 -3.46 5.32
CA SER A 285 -3.29 -2.86 4.48
C SER A 285 -3.51 -1.39 4.05
N PRO A 286 -4.76 -1.03 3.65
CA PRO A 286 -4.94 0.37 3.21
C PRO A 286 -4.70 1.32 4.37
N TYR A 287 -5.09 0.89 5.56
CA TYR A 287 -4.91 1.68 6.79
C TYR A 287 -3.46 1.75 7.21
N LEU A 288 -2.71 0.68 7.03
CA LEU A 288 -1.28 0.70 7.25
C LEU A 288 -0.57 1.55 6.21
N LYS A 289 -1.02 1.50 4.97
CA LYS A 289 -0.41 2.27 3.91
C LYS A 289 -0.49 3.77 4.15
N PHE A 290 -1.67 4.25 4.55
CA PHE A 290 -1.91 5.66 4.80
C PHE A 290 -1.46 6.12 6.18
N GLY A 291 -1.12 5.16 7.02
CA GLY A 291 -0.80 5.47 8.41
C GLY A 291 -2.03 5.73 9.27
N CYS A 292 -3.22 5.35 8.78
CA CYS A 292 -4.43 5.44 9.59
C CYS A 292 -4.33 4.53 10.80
N LEU A 293 -3.54 3.46 10.64
CA LEU A 293 -3.25 2.56 11.75
C LEU A 293 -1.77 2.52 11.93
N SER A 294 -1.34 2.61 13.17
CA SER A 294 0.06 2.48 13.50
C SER A 294 0.48 1.01 13.43
N ALA A 295 1.50 0.73 12.63
CA ALA A 295 2.08 -0.62 12.60
C ALA A 295 2.66 -1.03 13.96
N ARG A 296 3.18 -0.05 14.70
CA ARG A 296 3.76 -0.29 16.03
C ARG A 296 2.70 -0.66 17.06
N LEU A 297 1.54 0.00 16.98
CA LEU A 297 0.41 -0.38 17.82
C LEU A 297 -0.11 -1.78 17.47
N PHE A 298 -0.25 -2.05 16.17
CA PHE A 298 -0.75 -3.34 15.72
C PHE A 298 0.23 -4.45 16.16
N ASN A 299 1.53 -4.17 16.03
CA ASN A 299 2.57 -5.12 16.46
C ASN A 299 2.44 -5.43 17.95
N GLN A 300 2.24 -4.37 18.72
CA GLN A 300 2.12 -4.47 20.17
C GLN A 300 0.91 -5.30 20.60
N LYS A 301 -0.24 -5.06 19.99
CA LYS A 301 -1.45 -5.86 20.23
C LYS A 301 -1.25 -7.33 19.92
N LEU A 302 -0.57 -7.62 18.80
CA LEU A 302 -0.34 -9.00 18.39
C LEU A 302 0.54 -9.72 19.41
N LYS A 303 1.62 -9.05 19.82
CA LYS A 303 2.51 -9.63 20.83
C LYS A 303 1.77 -9.99 22.13
N GLU A 304 0.88 -9.10 22.59
CA GLU A 304 0.09 -9.39 23.78
C GLU A 304 -0.73 -10.67 23.57
N ILE A 305 -1.25 -10.85 22.37
CA ILE A 305 -2.07 -12.01 22.10
C ILE A 305 -1.23 -13.30 22.03
N ILE A 306 -0.07 -13.22 21.39
CA ILE A 306 0.81 -14.36 21.25
C ILE A 306 1.24 -14.85 22.63
N LYS A 307 1.48 -13.92 23.52
CA LYS A 307 1.88 -14.21 24.88
C LYS A 307 0.78 -15.02 25.59
N ARG A 308 -0.48 -14.69 25.32
CA ARG A 308 -1.62 -15.40 25.85
C ARG A 308 -1.95 -16.77 25.27
N GLN A 309 -1.47 -17.05 24.06
CA GLN A 309 -1.86 -18.27 23.33
C GLN A 309 -0.69 -19.22 23.12
N PRO A 310 -0.61 -20.26 23.96
CA PRO A 310 0.53 -21.20 23.89
C PRO A 310 0.70 -21.79 22.50
N LYS A 311 -0.39 -22.15 21.84
CA LYS A 311 -0.32 -22.68 20.48
C LYS A 311 -0.42 -21.51 19.50
N HIS A 312 0.66 -21.26 18.78
CA HIS A 312 0.67 -20.17 17.81
C HIS A 312 1.72 -20.36 16.71
N SER A 313 1.49 -19.67 15.60
CA SER A 313 2.40 -19.67 14.46
C SER A 313 3.55 -18.68 14.66
N GLN A 314 4.59 -18.83 13.87
CA GLN A 314 5.75 -17.95 13.94
C GLN A 314 6.03 -17.42 12.54
N PRO A 315 6.86 -16.39 12.44
CA PRO A 315 7.30 -15.89 11.12
C PRO A 315 7.98 -17.05 10.36
N PRO A 316 7.91 -17.05 9.01
CA PRO A 316 7.34 -15.98 8.19
C PRO A 316 5.82 -16.03 7.96
N VAL A 317 5.07 -17.04 8.43
CA VAL A 317 3.67 -17.16 8.04
C VAL A 317 2.67 -16.54 9.02
N SER A 318 3.13 -16.21 10.22
CA SER A 318 2.30 -15.66 11.27
C SER A 318 1.88 -14.23 10.96
N LEU A 319 0.90 -13.74 11.69
CA LEU A 319 0.39 -12.40 11.51
C LEU A 319 1.48 -11.36 11.79
N ILE A 320 2.24 -11.56 12.85
CA ILE A 320 3.37 -10.70 13.17
C ILE A 320 4.36 -10.85 12.02
N GLY A 321 4.53 -12.07 11.54
CA GLY A 321 5.44 -12.30 10.42
C GLY A 321 5.10 -11.42 9.22
N GLN A 322 3.80 -11.19 8.99
CA GLN A 322 3.37 -10.34 7.85
C GLN A 322 3.80 -8.89 8.01
N LEU A 323 3.66 -8.36 9.22
CA LEU A 323 4.17 -7.03 9.57
C LEU A 323 5.68 -6.96 9.36
N MET A 324 6.38 -8.05 9.68
CA MET A 324 7.82 -8.13 9.47
C MET A 324 8.19 -8.13 7.97
N TRP A 325 7.32 -8.66 7.12
CA TRP A 325 7.55 -8.63 5.67
C TRP A 325 7.44 -7.19 5.17
N ARG A 326 6.49 -6.47 5.73
CA ARG A 326 6.34 -5.05 5.42
C ARG A 326 7.64 -4.35 5.81
N GLU A 327 8.16 -4.65 7.01
CA GLU A 327 9.42 -4.07 7.48
C GLU A 327 10.59 -4.44 6.57
N PHE A 328 10.60 -5.69 6.14
CA PHE A 328 11.68 -6.22 5.31
C PHE A 328 11.77 -5.45 4.00
N TYR A 329 10.63 -5.27 3.32
CA TYR A 329 10.63 -4.57 2.04
C TYR A 329 10.93 -3.10 2.18
N TYR A 330 10.47 -2.48 3.25
CA TYR A 330 10.81 -1.08 3.47
C TYR A 330 12.33 -0.94 3.59
N THR A 331 12.98 -1.95 4.17
CA THR A 331 14.42 -1.86 4.36
C THR A 331 15.21 -2.05 3.06
N VAL A 332 14.88 -3.08 2.27
CA VAL A 332 15.55 -3.24 0.99
C VAL A 332 15.23 -2.06 0.07
N ALA A 333 13.99 -1.59 0.14
CA ALA A 333 13.59 -0.42 -0.67
C ALA A 333 14.34 0.86 -0.26
N ALA A 334 14.57 1.05 1.03
CA ALA A 334 15.25 2.26 1.49
C ALA A 334 16.70 2.39 0.98
N ALA A 335 17.32 1.26 0.64
CA ALA A 335 18.70 1.28 0.12
C ALA A 335 18.77 1.34 -1.41
N GLU A 336 17.61 1.43 -2.07
CA GLU A 336 17.62 1.36 -3.54
C GLU A 336 16.56 2.24 -4.20
N PRO A 337 16.95 3.44 -4.65
CA PRO A 337 16.04 4.37 -5.35
C PRO A 337 15.40 3.80 -6.60
N ASN A 338 16.06 2.85 -7.26
CA ASN A 338 15.44 2.20 -8.42
C ASN A 338 14.64 0.96 -8.08
N PHE A 339 14.14 0.87 -6.85
CA PHE A 339 13.50 -0.37 -6.39
C PHE A 339 12.31 -0.77 -7.26
N ASP A 340 11.66 0.23 -7.85
CA ASP A 340 10.44 0.00 -8.61
C ASP A 340 10.68 -0.19 -10.12
N ARG A 341 11.92 -0.47 -10.50
N ARG A 341 11.91 -0.50 -10.50
CA ARG A 341 12.30 -0.72 -11.89
CA ARG A 341 12.21 -0.81 -11.88
C ARG A 341 13.22 -1.93 -12.00
C ARG A 341 13.24 -1.91 -12.02
N MET A 342 13.31 -2.51 -13.19
CA MET A 342 14.23 -3.59 -13.42
C MET A 342 15.66 -3.08 -13.61
N LEU A 343 15.83 -2.15 -14.52
CA LEU A 343 17.13 -1.59 -14.83
C LEU A 343 17.69 -0.74 -13.72
N GLY A 344 18.95 -0.99 -13.40
CA GLY A 344 19.66 -0.25 -12.38
C GLY A 344 19.25 -0.59 -10.98
N ASN A 345 18.53 -1.70 -10.83
CA ASN A 345 18.01 -2.11 -9.53
C ASN A 345 18.88 -3.24 -9.02
N VAL A 346 19.57 -3.00 -7.91
CA VAL A 346 20.59 -3.89 -7.39
C VAL A 346 20.12 -5.31 -7.10
N TYR A 347 18.89 -5.46 -6.65
CA TYR A 347 18.32 -6.75 -6.33
C TYR A 347 17.74 -7.56 -7.48
N CYS A 348 17.45 -6.88 -8.57
CA CYS A 348 16.64 -7.44 -9.63
C CYS A 348 17.29 -8.21 -10.77
N MET A 349 16.79 -9.42 -10.99
CA MET A 349 17.23 -10.24 -12.13
C MET A 349 16.93 -9.46 -13.41
N GLN A 350 17.89 -9.35 -14.32
CA GLN A 350 17.62 -8.72 -15.60
C GLN A 350 17.00 -9.76 -16.54
N ILE A 351 15.72 -9.57 -16.89
CA ILE A 351 14.95 -10.57 -17.62
C ILE A 351 14.30 -9.92 -18.85
N PRO A 352 14.44 -10.55 -20.02
CA PRO A 352 14.02 -9.89 -21.28
C PRO A 352 12.51 -9.94 -21.48
N TRP A 353 11.76 -9.22 -20.63
CA TRP A 353 10.30 -9.17 -20.77
C TRP A 353 9.95 -8.62 -22.15
N GLN A 354 8.76 -8.95 -22.65
CA GLN A 354 8.32 -8.53 -23.99
C GLN A 354 7.14 -7.59 -23.98
N GLU A 355 7.04 -6.80 -25.04
CA GLU A 355 5.90 -5.90 -25.27
C GLU A 355 4.77 -6.68 -25.90
N HIS A 356 3.63 -6.74 -25.24
CA HIS A 356 2.47 -7.45 -25.78
C HIS A 356 1.25 -6.63 -25.45
N PRO A 357 1.01 -5.57 -26.24
CA PRO A 357 0.02 -4.52 -25.97
C PRO A 357 -1.40 -5.08 -25.81
N ASP A 358 -1.83 -5.92 -26.74
CA ASP A 358 -3.16 -6.50 -26.67
C ASP A 358 -3.33 -7.35 -25.43
N HIS A 359 -2.34 -8.17 -25.13
CA HIS A 359 -2.39 -9.01 -23.95
C HIS A 359 -2.39 -8.19 -22.66
N LEU A 360 -1.61 -7.13 -22.63
CA LEU A 360 -1.58 -6.30 -21.47
C LEU A 360 -2.94 -5.67 -21.25
N GLU A 361 -3.57 -5.23 -22.33
CA GLU A 361 -4.87 -4.61 -22.22
C GLU A 361 -5.92 -5.58 -21.68
N ALA A 362 -5.88 -6.80 -22.19
CA ALA A 362 -6.82 -7.83 -21.76
C ALA A 362 -6.60 -8.18 -20.28
N TRP A 363 -5.34 -8.28 -19.86
CA TRP A 363 -5.05 -8.58 -18.45
C TRP A 363 -5.55 -7.44 -17.58
N THR A 364 -5.21 -6.22 -17.97
CA THR A 364 -5.57 -5.03 -17.22
C THR A 364 -7.06 -4.92 -16.96
N HIS A 365 -7.87 -5.28 -17.94
CA HIS A 365 -9.33 -5.18 -17.82
C HIS A 365 -10.04 -6.49 -17.50
N GLY A 366 -9.27 -7.51 -17.13
CA GLY A 366 -9.91 -8.78 -16.76
C GLY A 366 -10.67 -9.39 -17.92
N ARG A 367 -10.04 -9.43 -19.09
CA ARG A 367 -10.64 -10.05 -20.27
C ARG A 367 -9.64 -11.04 -20.88
N THR A 368 -8.90 -11.77 -20.07
CA THR A 368 -7.95 -12.77 -20.57
C THR A 368 -8.58 -14.07 -21.09
N GLY A 369 -9.81 -14.35 -20.72
CA GLY A 369 -10.44 -15.60 -21.07
C GLY A 369 -10.21 -16.70 -20.02
N TYR A 370 -9.41 -16.41 -19.00
CA TYR A 370 -9.20 -17.31 -17.87
C TYR A 370 -10.11 -16.73 -16.80
N PRO A 371 -11.19 -17.41 -16.46
CA PRO A 371 -12.19 -16.82 -15.55
C PRO A 371 -11.69 -16.47 -14.14
N PHE A 372 -10.79 -17.29 -13.59
CA PHE A 372 -10.22 -17.01 -12.28
C PHE A 372 -9.42 -15.71 -12.30
N ILE A 373 -8.51 -15.61 -13.27
CA ILE A 373 -7.74 -14.38 -13.49
C ILE A 373 -8.64 -13.15 -13.72
N ASP A 374 -9.64 -13.30 -14.57
CA ASP A 374 -10.55 -12.20 -14.88
C ASP A 374 -11.35 -11.76 -13.65
N ALA A 375 -11.84 -12.74 -12.87
CA ALA A 375 -12.59 -12.44 -11.65
C ALA A 375 -11.77 -11.59 -10.72
N ILE A 376 -10.51 -12.00 -10.53
CA ILE A 376 -9.61 -11.22 -9.66
C ILE A 376 -9.37 -9.81 -10.21
N MET A 377 -9.06 -9.67 -11.49
CA MET A 377 -8.78 -8.33 -12.00
C MET A 377 -10.02 -7.41 -11.92
N ARG A 378 -11.19 -8.03 -12.06
CA ARG A 378 -12.46 -7.34 -11.91
C ARG A 378 -12.74 -6.88 -10.47
N GLN A 379 -12.49 -7.73 -9.48
CA GLN A 379 -12.66 -7.36 -8.08
C GLN A 379 -11.71 -6.23 -7.71
N LEU A 380 -10.49 -6.30 -8.20
CA LEU A 380 -9.49 -5.27 -7.92
C LEU A 380 -9.93 -3.92 -8.47
N ARG A 381 -10.36 -3.88 -9.71
CA ARG A 381 -10.77 -2.61 -10.27
C ARG A 381 -11.99 -2.07 -9.53
N GLN A 382 -12.95 -2.93 -9.27
CA GLN A 382 -14.16 -2.54 -8.60
C GLN A 382 -14.05 -2.12 -7.14
N GLU A 383 -13.28 -2.88 -6.36
CA GLU A 383 -13.16 -2.70 -4.94
C GLU A 383 -11.83 -2.18 -4.36
N GLY A 384 -10.74 -2.28 -5.10
CA GLY A 384 -9.48 -1.74 -4.60
C GLY A 384 -8.70 -2.62 -3.63
N TRP A 385 -9.17 -3.84 -3.41
CA TRP A 385 -8.42 -4.80 -2.60
C TRP A 385 -8.67 -6.21 -3.10
N ILE A 386 -7.60 -6.98 -3.19
CA ILE A 386 -7.69 -8.39 -3.47
C ILE A 386 -6.69 -9.10 -2.55
N HIS A 387 -7.01 -10.34 -2.24
CA HIS A 387 -6.20 -11.12 -1.33
C HIS A 387 -4.80 -11.35 -1.90
N HIS A 388 -3.83 -11.46 -1.01
CA HIS A 388 -2.45 -11.66 -1.37
C HIS A 388 -2.28 -12.75 -2.46
N LEU A 389 -2.88 -13.93 -2.26
CA LEU A 389 -2.73 -15.03 -3.23
C LEU A 389 -3.47 -14.80 -4.53
N ALA A 390 -4.51 -13.97 -4.48
CA ALA A 390 -5.14 -13.53 -5.71
C ALA A 390 -4.15 -12.65 -6.47
N ARG A 391 -3.43 -11.78 -5.76
CA ARG A 391 -2.36 -11.01 -6.40
C ARG A 391 -1.29 -11.94 -6.99
N HIS A 392 -0.93 -12.99 -6.26
CA HIS A 392 0.01 -13.98 -6.81
C HIS A 392 -0.47 -14.50 -8.16
N ALA A 393 -1.74 -14.91 -8.22
CA ALA A 393 -2.27 -15.52 -9.45
C ALA A 393 -2.16 -14.60 -10.67
N VAL A 394 -2.58 -13.35 -10.49
CA VAL A 394 -2.59 -12.45 -11.64
C VAL A 394 -1.21 -11.95 -11.95
N ALA A 395 -0.35 -11.87 -10.95
CA ALA A 395 0.97 -11.30 -11.14
C ALA A 395 1.85 -12.34 -11.84
N CYS A 396 1.72 -13.59 -11.41
CA CYS A 396 2.38 -14.70 -12.09
C CYS A 396 1.90 -14.82 -13.54
N PHE A 397 0.59 -14.82 -13.72
CA PHE A 397 0.02 -14.92 -15.06
C PHE A 397 0.59 -13.83 -15.99
N LEU A 398 0.60 -12.59 -15.51
CA LEU A 398 1.12 -11.49 -16.32
C LEU A 398 2.61 -11.62 -16.71
N THR A 399 3.43 -12.14 -15.80
CA THR A 399 4.87 -12.08 -15.95
C THR A 399 5.44 -13.43 -16.38
N ARG A 400 6.13 -14.12 -15.47
CA ARG A 400 6.83 -15.35 -15.83
C ARG A 400 5.88 -16.51 -16.20
N GLY A 401 4.67 -16.50 -15.66
CA GLY A 401 3.75 -17.61 -15.87
C GLY A 401 3.25 -17.72 -17.31
N ASP A 402 2.69 -16.63 -17.83
CA ASP A 402 1.97 -16.74 -19.09
C ASP A 402 2.29 -15.66 -20.13
N LEU A 403 2.02 -14.39 -19.81
CA LEU A 403 2.10 -13.35 -20.83
C LEU A 403 3.52 -12.85 -21.13
N TRP A 404 4.45 -13.11 -20.22
CA TRP A 404 5.83 -12.67 -20.40
C TRP A 404 5.93 -11.16 -20.57
N ILE A 405 5.09 -10.45 -19.81
CA ILE A 405 5.12 -9.00 -19.72
C ILE A 405 5.83 -8.54 -18.44
N SER A 406 6.52 -7.41 -18.51
CA SER A 406 7.27 -6.89 -17.39
C SER A 406 6.40 -6.66 -16.14
N TRP A 407 6.92 -7.06 -14.99
CA TRP A 407 6.29 -6.74 -13.72
C TRP A 407 6.08 -5.22 -13.55
N GLU A 408 6.90 -4.40 -14.19
CA GLU A 408 6.67 -2.96 -14.11
C GLU A 408 5.28 -2.53 -14.65
N GLU A 409 4.78 -3.24 -15.66
CA GLU A 409 3.46 -2.94 -16.22
C GLU A 409 2.36 -3.35 -15.23
N GLY A 410 2.56 -4.47 -14.57
CA GLY A 410 1.65 -4.94 -13.56
C GLY A 410 1.61 -4.00 -12.38
N GLN A 411 2.78 -3.49 -12.02
CA GLN A 411 2.94 -2.59 -10.91
C GLN A 411 2.16 -1.32 -11.17
N ARG A 412 2.20 -0.85 -12.40
CA ARG A 412 1.51 0.37 -12.82
C ARG A 412 0.02 0.21 -12.66
N VAL A 413 -0.51 -0.92 -13.08
CA VAL A 413 -1.93 -1.17 -12.96
C VAL A 413 -2.34 -1.29 -11.47
N PHE A 414 -1.57 -2.06 -10.69
CA PHE A 414 -1.86 -2.16 -9.27
C PHE A 414 -1.80 -0.78 -8.60
N GLU A 415 -0.84 0.04 -8.99
CA GLU A 415 -0.66 1.34 -8.38
C GLU A 415 -1.93 2.15 -8.54
N GLN A 416 -2.55 2.08 -9.71
CA GLN A 416 -3.80 2.77 -9.95
C GLN A 416 -5.01 2.26 -9.15
N LEU A 417 -5.17 0.94 -9.13
CA LEU A 417 -6.33 0.30 -8.53
C LEU A 417 -6.37 0.01 -7.03
N LEU A 418 -5.20 -0.20 -6.44
CA LEU A 418 -5.09 -0.56 -5.05
C LEU A 418 -5.27 0.56 -4.04
N LEU A 419 -6.14 0.31 -3.08
CA LEU A 419 -6.32 1.19 -1.95
C LEU A 419 -5.00 1.22 -1.17
N ASP A 420 -4.35 0.07 -1.04
CA ASP A 420 -3.09 -0.03 -0.28
C ASP A 420 -1.80 0.21 -1.07
N GLN A 421 -1.90 0.77 -2.27
CA GLN A 421 -0.73 0.97 -3.11
C GLN A 421 0.38 1.55 -2.25
N ASP A 422 1.50 0.85 -2.28
CA ASP A 422 2.65 1.17 -1.43
C ASP A 422 3.89 0.96 -2.28
N TRP A 423 4.65 2.02 -2.47
CA TRP A 423 5.78 2.01 -3.38
C TRP A 423 6.69 0.81 -3.11
N ALA A 424 7.11 0.66 -1.87
CA ALA A 424 8.02 -0.42 -1.50
C ALA A 424 7.34 -1.81 -1.59
N LEU A 425 6.12 -1.94 -1.07
CA LEU A 425 5.47 -3.25 -1.01
C LEU A 425 5.08 -3.77 -2.41
N ASN A 426 4.59 -2.88 -3.24
CA ASN A 426 4.17 -3.21 -4.59
C ASN A 426 5.40 -3.67 -5.40
N ALA A 427 6.44 -2.87 -5.38
CA ALA A 427 7.70 -3.22 -6.06
C ALA A 427 8.28 -4.55 -5.58
N GLY A 428 8.38 -4.69 -4.25
CA GLY A 428 8.98 -5.88 -3.68
C GLY A 428 8.22 -7.14 -4.06
N ASN A 429 6.90 -7.11 -3.92
CA ASN A 429 6.07 -8.30 -4.18
C ASN A 429 5.95 -8.60 -5.66
N TRP A 430 6.00 -7.57 -6.50
CA TRP A 430 6.05 -7.78 -7.95
C TRP A 430 7.36 -8.47 -8.36
N MET A 431 8.48 -8.06 -7.77
CA MET A 431 9.74 -8.79 -8.02
C MET A 431 9.69 -10.22 -7.51
N TRP A 432 9.10 -10.45 -6.35
CA TRP A 432 9.00 -11.79 -5.83
C TRP A 432 8.21 -12.69 -6.76
N LEU A 433 7.04 -12.22 -7.18
CA LEU A 433 6.14 -12.97 -8.04
C LEU A 433 6.68 -13.30 -9.41
N SER A 434 7.48 -12.39 -9.94
CA SER A 434 8.09 -12.54 -11.24
C SER A 434 9.40 -13.29 -11.14
N ALA A 435 9.72 -13.73 -9.93
CA ALA A 435 10.99 -14.42 -9.64
C ALA A 435 12.18 -13.55 -10.07
N SER A 436 12.05 -12.24 -9.91
CA SER A 436 13.13 -11.29 -10.22
C SER A 436 14.08 -11.03 -9.02
N ALA A 437 13.53 -11.17 -7.82
CA ALA A 437 14.27 -11.00 -6.59
C ALA A 437 13.55 -11.73 -5.46
N PHE A 438 14.28 -12.15 -4.43
CA PHE A 438 13.71 -12.77 -3.25
C PHE A 438 13.18 -14.20 -3.39
N PHE A 439 12.47 -14.44 -4.48
CA PHE A 439 11.94 -15.75 -4.81
C PHE A 439 12.68 -16.20 -6.08
N HIS A 440 13.15 -17.44 -6.11
CA HIS A 440 13.89 -17.92 -7.27
C HIS A 440 13.46 -19.27 -7.83
N GLN A 441 12.50 -19.92 -7.19
CA GLN A 441 12.02 -21.24 -7.57
C GLN A 441 10.97 -21.14 -8.66
N TYR A 442 11.42 -20.70 -9.83
CA TYR A 442 10.58 -20.39 -10.98
C TYR A 442 9.87 -21.56 -11.63
N PHE A 443 10.31 -22.77 -11.30
N PHE A 443 10.30 -22.78 -11.31
CA PHE A 443 9.64 -23.99 -11.75
CA PHE A 443 9.60 -23.98 -11.78
C PHE A 443 8.28 -24.16 -11.07
C PHE A 443 8.25 -24.12 -11.10
N ARG A 444 8.07 -23.40 -10.00
CA ARG A 444 6.77 -23.41 -9.31
C ARG A 444 5.92 -22.35 -10.00
N VAL A 445 4.86 -22.76 -10.69
CA VAL A 445 4.06 -21.82 -11.47
C VAL A 445 2.58 -22.01 -11.16
N TYR A 446 1.93 -20.92 -10.74
CA TYR A 446 0.50 -20.94 -10.46
C TYR A 446 -0.28 -21.30 -11.72
N SER A 447 -1.24 -22.19 -11.58
CA SER A 447 -2.08 -22.49 -12.73
C SER A 447 -3.32 -21.61 -12.67
N PRO A 448 -3.59 -20.85 -13.75
CA PRO A 448 -4.77 -19.99 -13.72
C PRO A 448 -6.06 -20.83 -13.70
N VAL A 449 -5.96 -22.11 -14.06
CA VAL A 449 -7.12 -22.98 -13.99
C VAL A 449 -7.25 -23.69 -12.64
N ALA A 450 -6.19 -24.36 -12.24
CA ALA A 450 -6.14 -25.11 -10.99
C ALA A 450 -6.07 -24.41 -9.63
N PHE A 451 -5.35 -23.31 -9.54
CA PHE A 451 -5.05 -22.70 -8.25
C PHE A 451 -6.26 -22.29 -7.42
N GLY A 452 -7.25 -21.67 -8.04
CA GLY A 452 -8.42 -21.26 -7.30
C GLY A 452 -9.36 -22.39 -6.90
N LYS A 453 -9.24 -23.54 -7.54
CA LYS A 453 -10.21 -24.62 -7.29
C LYS A 453 -10.10 -25.18 -5.88
N LYS A 454 -8.88 -25.14 -5.34
CA LYS A 454 -8.57 -25.69 -4.03
C LYS A 454 -9.45 -25.09 -2.95
N THR A 455 -9.78 -23.81 -3.10
CA THR A 455 -10.51 -23.09 -2.07
C THR A 455 -11.91 -22.67 -2.52
N ASP A 456 -12.22 -22.85 -3.81
CA ASP A 456 -13.55 -22.46 -4.32
C ASP A 456 -13.97 -23.42 -5.43
N PRO A 457 -14.22 -24.69 -5.08
CA PRO A 457 -14.48 -25.71 -6.12
C PRO A 457 -15.74 -25.45 -6.92
N GLN A 458 -16.69 -24.72 -6.35
CA GLN A 458 -17.92 -24.44 -7.08
C GLN A 458 -17.78 -23.18 -7.94
N GLY A 459 -16.68 -22.46 -7.77
CA GLY A 459 -16.42 -21.23 -8.50
C GLY A 459 -17.33 -20.06 -8.10
N HIS A 460 -17.78 -19.99 -6.85
CA HIS A 460 -18.64 -18.88 -6.41
C HIS A 460 -18.06 -17.50 -6.68
N TYR A 461 -16.75 -17.39 -6.50
CA TYR A 461 -16.03 -16.12 -6.71
C TYR A 461 -16.06 -15.72 -8.17
N ILE A 462 -15.89 -16.70 -9.05
CA ILE A 462 -15.94 -16.43 -10.48
C ILE A 462 -17.39 -16.06 -10.86
N ARG A 463 -18.36 -16.79 -10.34
CA ARG A 463 -19.77 -16.49 -10.63
C ARG A 463 -20.14 -15.06 -10.24
N LYS A 464 -19.53 -14.55 -9.17
CA LYS A 464 -19.81 -13.21 -8.69
C LYS A 464 -19.17 -12.15 -9.58
N TYR A 465 -17.87 -12.29 -9.87
CA TYR A 465 -17.15 -11.23 -10.58
C TYR A 465 -17.16 -11.36 -12.10
N VAL A 466 -17.52 -12.55 -12.58
CA VAL A 466 -17.65 -12.79 -14.00
C VAL A 466 -19.04 -13.37 -14.20
N PRO A 467 -20.08 -12.54 -13.98
CA PRO A 467 -21.45 -13.05 -13.95
C PRO A 467 -21.90 -13.61 -15.27
N GLU A 468 -21.24 -13.27 -16.36
CA GLU A 468 -21.62 -13.84 -17.63
C GLU A 468 -21.48 -15.37 -17.63
N LEU A 469 -20.51 -15.89 -16.90
CA LEU A 469 -20.26 -17.32 -16.78
C LEU A 469 -21.01 -18.02 -15.63
N SER A 470 -21.92 -17.31 -14.98
CA SER A 470 -22.59 -17.78 -13.80
C SER A 470 -23.41 -19.06 -13.91
N LYS A 471 -23.82 -19.44 -15.10
CA LYS A 471 -24.57 -20.69 -15.26
C LYS A 471 -23.72 -21.91 -15.63
N TYR A 472 -22.40 -21.71 -15.81
CA TYR A 472 -21.49 -22.80 -16.17
C TYR A 472 -21.39 -23.77 -15.01
N PRO A 473 -21.40 -25.08 -15.30
CA PRO A 473 -21.18 -26.05 -14.22
C PRO A 473 -19.76 -25.85 -13.67
N ALA A 474 -19.57 -26.19 -12.40
CA ALA A 474 -18.26 -26.08 -11.77
C ALA A 474 -17.21 -26.88 -12.53
N GLY A 475 -17.63 -27.92 -13.25
CA GLY A 475 -16.69 -28.78 -13.96
C GLY A 475 -15.98 -28.10 -15.12
N CYS A 476 -16.49 -26.97 -15.58
CA CYS A 476 -15.78 -26.24 -16.62
C CYS A 476 -15.80 -24.73 -16.46
N ILE A 477 -16.29 -24.23 -15.33
CA ILE A 477 -16.33 -22.79 -15.15
C ILE A 477 -14.91 -22.18 -15.10
N TYR A 478 -13.93 -22.94 -14.63
CA TYR A 478 -12.54 -22.44 -14.63
C TYR A 478 -11.84 -22.56 -16.00
N GLU A 479 -12.44 -23.32 -16.90
CA GLU A 479 -11.85 -23.66 -18.18
C GLU A 479 -12.98 -23.76 -19.22
N PRO A 480 -13.70 -22.65 -19.45
CA PRO A 480 -14.94 -22.67 -20.25
C PRO A 480 -14.71 -23.21 -21.67
N TRP A 481 -13.48 -23.09 -22.19
CA TRP A 481 -13.19 -23.59 -23.54
C TRP A 481 -13.47 -25.09 -23.67
N LYS A 482 -13.63 -25.77 -22.53
CA LYS A 482 -13.95 -27.20 -22.55
C LYS A 482 -15.43 -27.45 -22.91
N ALA A 483 -16.26 -26.40 -22.84
CA ALA A 483 -17.69 -26.54 -23.16
C ALA A 483 -17.96 -26.51 -24.66
N SER A 484 -18.73 -27.46 -25.17
CA SER A 484 -19.15 -27.43 -26.57
C SER A 484 -20.00 -26.19 -26.82
N LEU A 485 -20.16 -25.85 -28.08
CA LEU A 485 -20.99 -24.71 -28.47
C LEU A 485 -22.46 -24.87 -28.02
N VAL A 486 -23.02 -26.07 -28.16
CA VAL A 486 -24.40 -26.25 -27.68
C VAL A 486 -24.49 -26.05 -26.18
N ASP A 487 -23.47 -26.51 -25.45
CA ASP A 487 -23.38 -26.26 -24.01
C ASP A 487 -23.26 -24.77 -23.69
N GLN A 488 -22.33 -24.08 -24.33
CA GLN A 488 -22.21 -22.64 -24.16
C GLN A 488 -23.57 -21.93 -24.35
N ARG A 489 -24.33 -22.34 -25.35
CA ARG A 489 -25.63 -21.70 -25.61
C ARG A 489 -26.60 -21.99 -24.47
N ALA A 490 -26.61 -23.23 -24.01
CA ALA A 490 -27.45 -23.60 -22.88
C ALA A 490 -27.09 -22.80 -21.62
N TYR A 491 -25.82 -22.41 -21.50
CA TYR A 491 -25.36 -21.64 -20.35
C TYR A 491 -25.53 -20.14 -20.56
N GLY A 492 -26.02 -19.74 -21.74
CA GLY A 492 -26.31 -18.34 -22.01
C GLY A 492 -25.09 -17.45 -22.20
N CYS A 493 -23.96 -18.05 -22.57
CA CYS A 493 -22.73 -17.30 -22.73
C CYS A 493 -21.81 -17.98 -23.73
N VAL A 494 -21.75 -17.44 -24.95
CA VAL A 494 -20.97 -18.11 -25.97
C VAL A 494 -19.61 -17.47 -26.12
N LEU A 495 -18.60 -18.32 -26.08
CA LEU A 495 -17.23 -17.85 -26.07
C LEU A 495 -16.92 -17.10 -27.35
N GLY A 496 -16.27 -15.96 -27.22
CA GLY A 496 -15.96 -15.12 -28.35
C GLY A 496 -17.06 -14.09 -28.56
N THR A 497 -18.20 -14.27 -27.87
CA THR A 497 -19.31 -13.33 -28.03
C THR A 497 -19.63 -12.62 -26.72
N ASP A 498 -20.00 -13.41 -25.74
CA ASP A 498 -20.32 -12.96 -24.40
C ASP A 498 -19.15 -12.97 -23.41
N TYR A 499 -18.12 -13.74 -23.71
CA TYR A 499 -16.92 -13.82 -22.89
C TYR A 499 -15.75 -14.19 -23.82
N PRO A 500 -14.58 -13.65 -23.56
CA PRO A 500 -13.45 -13.86 -24.46
C PRO A 500 -12.88 -15.26 -24.58
N HIS A 501 -12.33 -15.55 -25.75
CA HIS A 501 -11.58 -16.76 -25.97
C HIS A 501 -10.28 -16.54 -25.19
N ARG A 502 -9.70 -17.59 -24.62
CA ARG A 502 -8.47 -17.39 -23.86
C ARG A 502 -7.36 -16.86 -24.75
N ILE A 503 -6.70 -15.82 -24.26
CA ILE A 503 -5.66 -15.12 -24.98
C ILE A 503 -4.39 -15.93 -25.28
N VAL A 504 -4.07 -16.85 -24.40
CA VAL A 504 -2.90 -17.75 -24.57
C VAL A 504 -3.23 -19.12 -23.98
N LYS A 505 -2.42 -20.12 -24.28
CA LYS A 505 -2.63 -21.46 -23.73
C LYS A 505 -1.66 -21.73 -22.60
N HIS A 506 -2.17 -21.68 -21.36
CA HIS A 506 -1.31 -21.83 -20.20
C HIS A 506 -0.44 -23.07 -20.29
N GLU A 507 -1.05 -24.21 -20.61
CA GLU A 507 -0.35 -25.48 -20.67
C GLU A 507 0.83 -25.49 -21.65
N VAL A 508 0.82 -24.60 -22.63
CA VAL A 508 1.98 -24.46 -23.51
C VAL A 508 2.96 -23.38 -23.08
N VAL A 509 2.48 -22.14 -22.95
CA VAL A 509 3.39 -21.02 -22.74
C VAL A 509 4.16 -21.09 -21.43
N HIS A 510 3.56 -21.64 -20.39
CA HIS A 510 4.26 -21.62 -19.10
C HIS A 510 5.50 -22.49 -19.13
N LYS A 511 5.45 -23.56 -19.92
CA LYS A 511 6.61 -24.44 -20.07
C LYS A 511 7.69 -23.74 -20.87
N GLU A 512 7.31 -23.05 -21.93
CA GLU A 512 8.28 -22.27 -22.68
C GLU A 512 8.86 -21.12 -21.83
N ASN A 513 8.03 -20.52 -20.98
CA ASN A 513 8.53 -19.43 -20.12
C ASN A 513 9.49 -19.93 -19.03
N ILE A 514 9.24 -21.10 -18.48
CA ILE A 514 10.16 -21.70 -17.52
C ILE A 514 11.56 -21.77 -18.17
N LYS A 515 11.59 -22.17 -19.43
CA LYS A 515 12.88 -22.23 -20.14
C LYS A 515 13.48 -20.84 -20.33
N ARG A 516 12.65 -19.86 -20.67
CA ARG A 516 13.11 -18.48 -20.77
C ARG A 516 13.70 -17.99 -19.45
N MET A 517 13.09 -18.38 -18.34
CA MET A 517 13.54 -17.92 -17.02
C MET A 517 14.91 -18.50 -16.72
N GLY A 518 15.07 -19.80 -16.93
CA GLY A 518 16.34 -20.47 -16.73
C GLY A 518 17.42 -19.82 -17.58
N ALA A 519 17.05 -19.44 -18.80
CA ALA A 519 18.01 -18.83 -19.72
C ALA A 519 18.45 -17.49 -19.17
N ALA A 520 17.51 -16.72 -18.63
CA ALA A 520 17.84 -15.38 -18.12
C ALA A 520 18.68 -15.48 -16.85
N TYR A 521 18.33 -16.42 -15.97
CA TYR A 521 19.08 -16.63 -14.75
C TYR A 521 20.54 -16.96 -15.08
N LYS A 522 20.74 -17.77 -16.12
CA LYS A 522 22.08 -18.14 -16.54
C LYS A 522 22.87 -16.91 -17.00
N VAL A 523 22.23 -16.02 -17.75
CA VAL A 523 22.89 -14.81 -18.20
C VAL A 523 23.24 -13.95 -17.01
N ASN A 524 22.33 -13.85 -16.04
CA ASN A 524 22.60 -13.08 -14.84
C ASN A 524 23.76 -13.67 -14.02
N ARG A 525 23.85 -15.00 -13.96
CA ARG A 525 24.97 -15.67 -13.29
C ARG A 525 26.30 -15.32 -13.90
N GLU A 526 26.37 -15.38 -15.23
CA GLU A 526 27.62 -15.14 -15.93
C GLU A 526 28.05 -13.73 -15.56
N VAL A 527 27.11 -12.79 -15.65
CA VAL A 527 27.39 -11.39 -15.42
C VAL A 527 27.95 -11.15 -14.02
N ARG A 528 27.35 -11.80 -13.04
CA ARG A 528 27.81 -11.69 -11.67
C ARG A 528 29.24 -12.19 -11.52
N THR A 529 29.42 -13.49 -11.68
CA THR A 529 30.75 -14.08 -11.58
C THR A 529 31.74 -13.40 -12.52
N GLY A 530 31.21 -12.67 -13.51
CA GLY A 530 32.03 -11.94 -14.47
C GLY A 530 32.55 -10.60 -13.98
N LYS A 531 31.86 -10.01 -13.01
CA LYS A 531 32.28 -8.76 -12.38
C LYS A 531 33.46 -8.99 -11.43
N GLU A 532 33.73 -10.26 -11.12
CA GLU A 532 34.75 -10.61 -10.13
C GLU A 532 36.16 -10.58 -10.71
P TDY B 8 11.63 -17.10 3.21
OP1 TDY B 8 11.81 -16.03 2.19
O5' TDY B 8 10.10 -17.32 3.51
C5' TDY B 8 9.22 -17.58 2.41
C4' TDY B 8 7.86 -18.01 2.95
O4' TDY B 8 7.21 -16.84 3.55
C3' TDY B 8 6.89 -18.39 1.83
O3' TDY B 8 7.14 -19.73 1.44
C2' TDY B 8 5.52 -18.19 2.47
C1' TDY B 8 5.79 -16.96 3.37
N1 TDY B 8 5.14 -15.66 2.94
C2 TDY B 8 4.26 -15.19 3.77
O2 TDY B 8 3.90 -15.74 4.83
N3 TDY B 8 3.60 -14.00 3.47
C4 TDY B 8 3.83 -13.25 2.32
O4 TDY B 8 3.17 -12.23 2.14
C5 TDY B 8 4.98 -13.71 1.43
C5M TDY B 8 6.25 -13.01 1.91
C6 TDY B 8 5.11 -15.25 1.49
N5 TDY B 8 4.71 -13.46 0.14
OP2 TDY B 8 12.37 -17.08 4.49
CM5 TDY B 8 5.29 -13.35 -1.13
P Z B 9 7.27 -20.14 -0.10
OP1 Z B 9 7.85 -21.50 -0.14
OP2 Z B 9 7.88 -19.07 -0.89
O5' Z B 9 5.72 -20.18 -0.55
C5' Z B 9 4.90 -21.30 -0.22
C4' Z B 9 3.46 -21.02 -0.67
O4' Z B 9 2.84 -20.03 0.21
C3' Z B 9 3.31 -20.47 -2.10
O3' Z B 9 2.98 -21.53 -3.00
C2' Z B 9 2.09 -19.54 -1.99
C1' Z B 9 2.10 -19.08 -0.54
N1 Z B 9 2.82 -17.85 -0.25
C2 Z B 9 2.26 -16.99 0.63
O2 Z B 9 1.14 -17.19 1.16
N3 Z B 9 2.99 -15.87 0.90
C4 Z B 9 4.18 -15.69 0.34
C5 Z B 9 4.75 -16.55 -0.58
C6 Z B 9 4.04 -17.65 -0.83
PA FAD D . -2.68 -9.52 6.28
O1A FAD D . -3.81 -9.34 7.24
O2A FAD D . -2.30 -10.88 5.81
O5B FAD D . -1.34 -8.81 6.85
C5B FAD D . -1.33 -7.67 7.70
C4B FAD D . -0.41 -6.57 7.15
O4B FAD D . 0.93 -7.11 6.97
C3B FAD D . -0.84 -6.18 5.75
O3B FAD D . -1.91 -5.24 5.89
C2B FAD D . 0.44 -5.55 5.23
O2B FAD D . 0.66 -4.25 5.79
C1B FAD D . 1.50 -6.52 5.79
N9A FAD D . 1.71 -7.57 4.77
C8A FAD D . 0.99 -8.68 4.55
N7A FAD D . 1.49 -9.31 3.50
C5A FAD D . 2.54 -8.61 3.06
C6A FAD D . 3.46 -8.74 2.01
N6A FAD D . 3.44 -9.79 1.17
N1A FAD D . 4.39 -7.80 1.87
C2A FAD D . 4.50 -6.76 2.68
N3A FAD D . 3.65 -6.61 3.68
C4A FAD D . 2.66 -7.50 3.87
N1 FAD D . 0.65 -4.70 0.00
C2 FAD D . 0.49 -3.35 0.28
O2 FAD D . 0.16 -3.04 1.43
N3 FAD D . 0.61 -2.44 -0.76
C4 FAD D . 0.88 -2.88 -2.05
O4 FAD D . 1.04 -2.05 -2.95
C4X FAD D . 1.03 -4.24 -2.33
N5 FAD D . 1.30 -4.71 -3.63
C5X FAD D . 1.45 -6.10 -3.86
C6 FAD D . 1.70 -6.57 -5.14
C7 FAD D . 1.82 -7.96 -5.35
C7M FAD D . 2.17 -8.47 -6.76
C8 FAD D . 1.69 -8.85 -4.30
C8M FAD D . 1.74 -10.37 -4.52
C9 FAD D . 1.42 -8.39 -3.03
C9A FAD D . 1.31 -7.00 -2.80
N10 FAD D . 1.02 -6.53 -1.51
C10 FAD D . 0.91 -5.15 -1.29
C1' FAD D . 1.18 -7.42 -0.32
C2' FAD D . -0.02 -8.18 0.20
O2' FAD D . -0.68 -8.80 -0.88
C3' FAD D . -0.94 -7.19 0.93
O3' FAD D . -0.18 -6.45 1.90
C4' FAD D . -2.05 -7.97 1.66
O4' FAD D . -2.84 -8.58 0.65
C5' FAD D . -2.93 -6.97 2.44
O5' FAD D . -4.04 -7.63 2.96
P FAD D . -4.25 -7.79 4.54
O1P FAD D . -4.12 -6.47 5.16
O2P FAD D . -5.50 -8.58 4.70
O3P FAD D . -2.92 -8.67 4.91
#